data_1RW0
#
_entry.id   1RW0
#
_cell.length_a   53.330
_cell.length_b   62.123
_cell.length_c   77.745
_cell.angle_alpha   90.00
_cell.angle_beta   110.22
_cell.angle_gamma   90.00
#
_symmetry.space_group_name_H-M   'P 1 21 1'
#
loop_
_entity.id
_entity.type
_entity.pdbx_description
1 polymer 'conserved hypothetical protein'
2 water water
#
_entity_poly.entity_id   1
_entity_poly.type   'polypeptide(L)'
_entity_poly.pdbx_seq_one_letter_code
;MNALIVPQWPLPKGVAACSSTRIGGVSLSPYDSLNLGAHCGDNPEHVEENRKRLFAAGNLPSKPVWLEQVHGKNVLRLTG
EPYASKRADASYSNTPGTVCAVMTADCLPVLFCNREGTEVAAAHAGWRGLCEGVLEETVTCFADKPENIIAWLGPAIGPA
AFEVGPEVRDAFLAKDAQADSAFLPHGEKFLADIYQLARQRLANTGVEHVYGGDRCTFSESETFFSYRRDKTTGRMASFI
WLI
;
_entity_poly.pdbx_strand_id   A,B
#
# COMPACT_ATOMS: atom_id res chain seq x y z
N MET A 1 -8.83 5.88 -19.14
CA MET A 1 -9.28 6.16 -17.76
C MET A 1 -9.20 4.89 -16.90
N ASN A 2 -10.30 4.14 -16.96
CA ASN A 2 -10.31 2.98 -16.08
C ASN A 2 -9.22 2.01 -16.54
N ALA A 3 -8.65 2.19 -17.58
CA ALA A 3 -7.64 1.39 -18.28
C ALA A 3 -6.26 1.80 -17.78
N LEU A 4 -6.19 2.94 -17.10
CA LEU A 4 -4.93 3.48 -16.62
C LEU A 4 -4.82 3.82 -15.13
N ILE A 5 -3.65 3.53 -14.56
CA ILE A 5 -3.36 3.84 -13.18
C ILE A 5 -2.18 4.81 -13.16
N VAL A 6 -2.34 5.91 -12.42
CA VAL A 6 -1.28 6.90 -12.29
C VAL A 6 -0.62 6.70 -10.94
N PRO A 7 0.67 6.32 -10.93
CA PRO A 7 1.38 6.12 -9.66
C PRO A 7 1.30 7.35 -8.78
N GLN A 8 0.98 7.17 -7.52
CA GLN A 8 0.90 8.29 -6.59
C GLN A 8 2.21 8.38 -5.83
N TRP A 9 3.06 9.30 -6.26
CA TRP A 9 4.35 9.50 -5.62
C TRP A 9 4.88 10.88 -5.96
N PRO A 10 5.80 11.41 -5.14
CA PRO A 10 6.41 12.72 -5.33
C PRO A 10 7.20 12.73 -6.63
N LEU A 11 6.49 12.56 -7.74
CA LEU A 11 7.09 12.52 -9.06
C LEU A 11 7.76 13.84 -9.42
N PRO A 12 9.08 13.81 -9.72
CA PRO A 12 9.75 15.06 -10.08
C PRO A 12 9.21 15.63 -11.40
N LYS A 13 9.36 16.93 -11.57
CA LYS A 13 8.89 17.68 -12.74
C LYS A 13 8.91 17.04 -14.15
N GLY A 14 10.08 16.67 -14.64
CA GLY A 14 10.15 16.13 -15.99
C GLY A 14 10.00 14.63 -16.19
N VAL A 15 9.24 13.97 -15.32
CA VAL A 15 9.05 12.54 -15.42
C VAL A 15 7.55 12.19 -15.50
N ALA A 16 7.23 11.10 -16.17
CA ALA A 16 5.85 10.65 -16.28
C ALA A 16 5.81 9.14 -16.18
N ALA A 17 4.74 8.62 -15.57
CA ALA A 17 4.60 7.17 -15.40
C ALA A 17 3.14 6.77 -15.38
N CYS A 18 2.90 5.49 -15.65
CA CYS A 18 1.55 4.95 -15.63
C CYS A 18 1.63 3.43 -15.60
N SER A 19 0.53 2.81 -15.21
CA SER A 19 0.46 1.36 -15.12
C SER A 19 -0.94 1.01 -15.65
N SER A 20 -1.06 -0.14 -16.33
CA SER A 20 -2.36 -0.53 -16.90
C SER A 20 -3.19 -1.45 -16.03
N THR A 21 -4.48 -1.55 -16.39
CA THR A 21 -5.41 -2.43 -15.70
C THR A 21 -6.00 -3.31 -16.80
N ARG A 22 -6.89 -4.24 -16.43
CA ARG A 22 -7.48 -5.12 -17.43
C ARG A 22 -8.71 -4.51 -18.11
N ILE A 23 -9.02 -3.27 -17.74
CA ILE A 23 -10.18 -2.56 -18.26
C ILE A 23 -10.01 -1.70 -19.51
N GLY A 24 -11.04 -1.70 -20.36
CA GLY A 24 -11.02 -0.87 -21.55
C GLY A 24 -10.45 -1.43 -22.84
N GLY A 25 -10.19 -2.73 -22.85
CA GLY A 25 -9.63 -3.37 -24.03
C GLY A 25 -10.68 -4.02 -24.92
N VAL A 26 -10.22 -4.88 -25.82
CA VAL A 26 -11.11 -5.56 -26.75
C VAL A 26 -11.02 -7.09 -26.64
N SER A 27 -10.08 -7.58 -25.85
CA SER A 27 -9.89 -9.02 -25.72
C SER A 27 -11.01 -9.80 -25.02
N LEU A 28 -11.15 -11.06 -25.42
CA LEU A 28 -12.17 -11.95 -24.87
C LEU A 28 -11.59 -12.80 -23.74
N SER A 29 -12.47 -13.20 -22.82
CA SER A 29 -12.10 -14.03 -21.68
C SER A 29 -11.30 -15.20 -22.25
N PRO A 30 -10.27 -15.68 -21.53
CA PRO A 30 -9.73 -15.28 -20.22
C PRO A 30 -8.88 -14.01 -20.22
N TYR A 31 -8.72 -13.37 -21.37
CA TYR A 31 -7.91 -12.15 -21.45
C TYR A 31 -8.81 -10.94 -21.51
N ASP A 32 -10.08 -11.13 -21.12
CA ASP A 32 -11.04 -10.05 -21.26
C ASP A 32 -10.62 -8.63 -20.99
N SER A 33 -10.74 -7.92 -22.23
CA SER A 33 -10.35 -6.50 -22.27
C SER A 33 -8.83 -6.33 -22.35
N LEU A 34 -8.29 -5.31 -21.76
CA LEU A 34 -6.96 -4.78 -22.04
C LEU A 34 -5.71 -5.63 -21.81
N ASN A 35 -5.60 -6.73 -22.54
CA ASN A 35 -4.42 -7.60 -22.44
C ASN A 35 -3.31 -7.02 -23.30
N LEU A 36 -2.17 -6.74 -22.69
CA LEU A 36 -1.04 -6.18 -23.43
C LEU A 36 0.00 -7.22 -23.83
N GLY A 37 -0.15 -8.45 -23.34
CA GLY A 37 0.80 -9.50 -23.64
C GLY A 37 0.58 -10.23 -24.95
N ALA A 38 1.60 -10.25 -25.79
CA ALA A 38 1.53 -10.92 -27.08
C ALA A 38 1.91 -12.40 -27.01
N HIS A 39 2.27 -12.88 -25.83
CA HIS A 39 2.69 -14.27 -25.71
C HIS A 39 1.96 -15.11 -24.67
N CYS A 40 0.67 -14.90 -24.51
CA CYS A 40 -0.08 -15.68 -23.54
C CYS A 40 -1.28 -16.39 -24.14
N GLY A 41 -1.33 -16.45 -25.46
CA GLY A 41 -2.42 -17.15 -26.14
C GLY A 41 -3.60 -16.31 -26.60
N ASP A 42 -3.48 -14.99 -26.52
CA ASP A 42 -4.56 -14.12 -26.93
C ASP A 42 -4.51 -13.89 -28.44
N ASN A 43 -5.59 -13.32 -28.97
CA ASN A 43 -5.70 -12.99 -30.38
C ASN A 43 -4.68 -11.88 -30.64
N PRO A 44 -3.70 -12.11 -31.51
CA PRO A 44 -2.69 -11.07 -31.78
C PRO A 44 -3.23 -9.70 -32.23
N GLU A 45 -4.34 -9.70 -32.97
CA GLU A 45 -4.92 -8.44 -33.42
C GLU A 45 -5.52 -7.69 -32.26
N HIS A 46 -6.07 -8.42 -31.30
CA HIS A 46 -6.67 -7.77 -30.14
C HIS A 46 -5.57 -7.11 -29.32
N VAL A 47 -4.46 -7.82 -29.12
CA VAL A 47 -3.34 -7.28 -28.36
C VAL A 47 -2.84 -5.98 -29.00
N GLU A 48 -2.71 -5.95 -30.32
CA GLU A 48 -2.26 -4.73 -31.00
C GLU A 48 -3.23 -3.59 -30.71
N GLU A 49 -4.51 -3.87 -30.76
CA GLU A 49 -5.54 -2.87 -30.48
C GLU A 49 -5.42 -2.33 -29.06
N ASN A 50 -5.24 -3.23 -28.10
CA ASN A 50 -5.12 -2.84 -26.71
C ASN A 50 -3.89 -1.97 -26.47
N ARG A 51 -2.78 -2.32 -27.11
CA ARG A 51 -1.56 -1.53 -26.96
C ARG A 51 -1.73 -0.11 -27.52
N LYS A 52 -2.39 0.02 -28.67
CA LYS A 52 -2.57 1.34 -29.24
C LYS A 52 -3.47 2.19 -28.34
N ARG A 53 -4.46 1.56 -27.72
CA ARG A 53 -5.36 2.27 -26.81
C ARG A 53 -4.60 2.76 -25.59
N LEU A 54 -3.91 1.84 -24.92
CA LEU A 54 -3.16 2.20 -23.72
C LEU A 54 -2.06 3.23 -23.98
N PHE A 55 -1.35 3.08 -25.09
CA PHE A 55 -0.26 4.02 -25.43
C PHE A 55 -0.82 5.43 -25.58
N ALA A 56 -1.98 5.55 -26.21
CA ALA A 56 -2.61 6.85 -26.40
C ALA A 56 -3.16 7.36 -25.07
N ALA A 57 -3.76 6.47 -24.29
CA ALA A 57 -4.34 6.82 -23.00
C ALA A 57 -3.28 7.34 -22.02
N GLY A 58 -2.12 6.69 -22.01
CA GLY A 58 -1.06 7.10 -21.12
C GLY A 58 -0.18 8.17 -21.74
N ASN A 59 -0.53 8.60 -22.94
CA ASN A 59 0.24 9.62 -23.63
C ASN A 59 1.71 9.29 -23.79
N LEU A 60 2.02 8.04 -24.12
CA LEU A 60 3.42 7.66 -24.29
C LEU A 60 3.96 8.46 -25.46
N PRO A 61 5.20 8.99 -25.34
CA PRO A 61 5.82 9.78 -26.40
C PRO A 61 6.30 8.88 -27.55
N SER A 62 6.56 7.61 -27.23
CA SER A 62 7.01 6.64 -28.21
C SER A 62 6.64 5.24 -27.73
N LYS A 63 6.79 4.25 -28.61
CA LYS A 63 6.47 2.87 -28.23
C LYS A 63 7.45 2.37 -27.18
N PRO A 64 6.96 1.58 -26.21
CA PRO A 64 7.81 1.05 -25.15
C PRO A 64 8.86 0.05 -25.64
N VAL A 65 10.01 0.03 -24.98
CA VAL A 65 11.06 -0.90 -25.33
C VAL A 65 10.79 -2.21 -24.61
N TRP A 66 9.88 -3.02 -25.14
CA TRP A 66 9.56 -4.29 -24.52
C TRP A 66 10.82 -5.12 -24.40
N LEU A 67 10.96 -5.82 -23.28
CA LEU A 67 12.13 -6.64 -23.04
C LEU A 67 11.79 -8.12 -23.14
N GLU A 68 12.82 -8.94 -23.33
CA GLU A 68 12.67 -10.38 -23.38
C GLU A 68 12.93 -10.74 -21.93
N GLN A 69 11.86 -10.71 -21.13
CA GLN A 69 11.96 -11.00 -19.70
C GLN A 69 12.19 -12.47 -19.45
N VAL A 70 13.20 -12.79 -18.65
CA VAL A 70 13.54 -14.18 -18.34
C VAL A 70 13.68 -14.42 -16.84
N HIS A 71 13.06 -13.56 -16.04
CA HIS A 71 13.10 -13.68 -14.58
C HIS A 71 14.51 -13.65 -14.02
N GLY A 72 15.39 -12.90 -14.68
CA GLY A 72 16.76 -12.77 -14.24
C GLY A 72 17.00 -11.42 -13.60
N LYS A 73 18.26 -11.00 -13.54
CA LYS A 73 18.62 -9.73 -12.93
C LYS A 73 19.38 -8.79 -13.86
N ASN A 74 19.32 -9.05 -15.17
CA ASN A 74 20.01 -8.21 -16.15
C ASN A 74 19.24 -6.94 -16.53
N VAL A 75 19.96 -5.83 -16.58
CA VAL A 75 19.37 -4.53 -16.91
C VAL A 75 19.83 -4.03 -18.28
N LEU A 76 18.90 -3.52 -19.07
CA LEU A 76 19.21 -2.99 -20.40
C LEU A 76 19.25 -1.46 -20.41
N ARG A 77 20.40 -0.91 -20.77
CA ARG A 77 20.53 0.55 -20.86
C ARG A 77 19.94 0.92 -22.23
N LEU A 78 18.83 1.64 -22.23
CA LEU A 78 18.16 2.03 -23.47
C LEU A 78 18.90 3.15 -24.21
N THR A 79 19.87 2.75 -25.01
CA THR A 79 20.70 3.68 -25.77
C THR A 79 20.31 3.90 -27.23
N GLY A 80 19.41 3.07 -27.75
CA GLY A 80 19.00 3.23 -29.14
C GLY A 80 18.45 1.97 -29.78
N GLU A 81 17.26 2.10 -30.38
CA GLU A 81 16.55 0.99 -31.04
C GLU A 81 17.38 -0.21 -31.47
N PRO A 82 18.52 0.01 -32.14
CA PRO A 82 19.34 -1.13 -32.56
C PRO A 82 20.08 -1.79 -31.40
N TYR A 83 19.44 -2.78 -30.77
CA TYR A 83 20.07 -3.48 -29.64
C TYR A 83 20.63 -4.85 -30.02
N ALA A 84 21.68 -5.27 -29.32
CA ALA A 84 22.31 -6.56 -29.58
C ALA A 84 21.56 -7.68 -28.89
N SER A 85 20.70 -7.31 -27.95
CA SER A 85 19.89 -8.26 -27.19
C SER A 85 18.98 -7.53 -26.21
N LYS A 86 17.73 -7.98 -26.14
CA LYS A 86 16.75 -7.38 -25.23
C LYS A 86 16.42 -8.36 -24.11
N ARG A 87 17.32 -9.32 -23.89
CA ARG A 87 17.18 -10.34 -22.86
C ARG A 87 17.52 -9.74 -21.50
N ALA A 88 16.54 -9.11 -20.86
CA ALA A 88 16.73 -8.47 -19.57
C ALA A 88 15.42 -8.40 -18.78
N ASP A 89 15.51 -8.06 -17.51
CA ASP A 89 14.30 -7.96 -16.68
C ASP A 89 14.11 -6.57 -16.11
N ALA A 90 14.92 -5.64 -16.60
CA ALA A 90 14.84 -4.25 -16.18
C ALA A 90 15.51 -3.43 -17.27
N SER A 91 15.11 -2.16 -17.38
CA SER A 91 15.70 -1.26 -18.36
C SER A 91 15.93 0.08 -17.69
N TYR A 92 16.91 0.82 -18.20
CA TYR A 92 17.29 2.11 -17.66
C TYR A 92 17.40 3.13 -18.78
N SER A 93 17.01 4.37 -18.49
CA SER A 93 17.06 5.43 -19.49
C SER A 93 17.38 6.80 -18.90
N ASN A 94 18.10 7.60 -19.68
CA ASN A 94 18.44 8.96 -19.30
C ASN A 94 18.17 9.85 -20.51
N THR A 95 17.43 9.30 -21.46
CA THR A 95 17.08 10.01 -22.70
C THR A 95 15.60 10.38 -22.77
N PRO A 96 15.29 11.67 -22.92
CA PRO A 96 13.90 12.11 -23.00
C PRO A 96 13.15 11.39 -24.12
N GLY A 97 11.90 11.02 -23.88
CA GLY A 97 11.12 10.35 -24.90
C GLY A 97 11.19 8.84 -24.96
N THR A 98 12.21 8.25 -24.33
CA THR A 98 12.38 6.80 -24.32
C THR A 98 11.52 6.20 -23.22
N VAL A 99 10.74 5.18 -23.58
CA VAL A 99 9.85 4.57 -22.60
C VAL A 99 10.33 3.23 -22.05
N CYS A 100 10.52 3.18 -20.73
CA CYS A 100 10.93 1.96 -20.04
C CYS A 100 9.65 1.23 -19.68
N ALA A 101 9.64 -0.09 -19.79
CA ALA A 101 8.42 -0.83 -19.48
C ALA A 101 8.67 -2.28 -19.09
N VAL A 102 7.80 -2.79 -18.22
CA VAL A 102 7.86 -4.18 -17.77
C VAL A 102 6.44 -4.74 -17.78
N MET A 103 6.33 -6.03 -18.13
CA MET A 103 5.04 -6.70 -18.22
C MET A 103 4.83 -7.67 -17.06
N THR A 104 3.65 -7.61 -16.45
CA THR A 104 3.35 -8.47 -15.31
C THR A 104 1.89 -8.93 -15.21
N ALA A 105 1.65 -9.88 -14.33
CA ALA A 105 0.32 -10.43 -14.06
C ALA A 105 0.43 -11.18 -12.74
N ASP A 106 0.99 -10.49 -11.75
CA ASP A 106 1.24 -10.98 -10.38
C ASP A 106 2.63 -10.56 -9.92
N CYS A 107 3.61 -10.69 -10.82
CA CYS A 107 4.98 -10.31 -10.47
C CYS A 107 5.06 -8.83 -10.17
N LEU A 108 6.01 -8.44 -9.32
CA LEU A 108 6.15 -7.04 -8.94
C LEU A 108 6.84 -6.11 -9.92
N PRO A 109 6.12 -5.07 -10.37
CA PRO A 109 6.71 -4.11 -11.30
C PRO A 109 7.20 -2.96 -10.44
N VAL A 110 8.44 -2.52 -10.65
CA VAL A 110 9.00 -1.41 -9.89
C VAL A 110 9.50 -0.32 -10.82
N LEU A 111 9.06 0.91 -10.57
CA LEU A 111 9.48 2.05 -11.38
C LEU A 111 10.42 2.92 -10.55
N PHE A 112 11.43 3.50 -11.20
CA PHE A 112 12.42 4.33 -10.53
C PHE A 112 12.68 5.65 -11.27
N CYS A 113 13.19 6.63 -10.53
CA CYS A 113 13.58 7.91 -11.08
C CYS A 113 14.30 8.65 -9.96
N ASN A 114 15.21 9.56 -10.32
CA ASN A 114 15.93 10.31 -9.30
C ASN A 114 15.17 11.61 -9.03
N ARG A 115 15.45 12.24 -7.89
CA ARG A 115 14.76 13.47 -7.52
C ARG A 115 14.94 14.59 -8.53
N GLU A 116 16.09 14.60 -9.22
CA GLU A 116 16.37 15.62 -10.23
C GLU A 116 15.61 15.39 -11.52
N GLY A 117 14.98 14.23 -11.65
CA GLY A 117 14.22 13.93 -12.86
C GLY A 117 15.07 13.85 -14.11
N THR A 118 16.20 13.14 -14.02
CA THR A 118 17.08 13.00 -15.16
C THR A 118 17.38 11.55 -15.50
N GLU A 119 16.91 10.63 -14.66
CA GLU A 119 17.13 9.20 -14.91
C GLU A 119 15.90 8.42 -14.48
N VAL A 120 15.52 7.42 -15.26
CA VAL A 120 14.36 6.59 -14.92
C VAL A 120 14.68 5.13 -15.19
N ALA A 121 13.86 4.25 -14.63
CA ALA A 121 14.07 2.82 -14.83
C ALA A 121 12.84 2.04 -14.41
N ALA A 122 12.71 0.83 -14.96
CA ALA A 122 11.60 -0.05 -14.64
C ALA A 122 12.16 -1.46 -14.47
N ALA A 123 11.69 -2.17 -13.44
CA ALA A 123 12.17 -3.52 -13.18
C ALA A 123 11.03 -4.53 -13.04
N HIS A 124 11.24 -5.71 -13.62
CA HIS A 124 10.30 -6.82 -13.55
C HIS A 124 10.84 -7.68 -12.42
N ALA A 125 10.12 -7.74 -11.31
CA ALA A 125 10.60 -8.50 -10.18
C ALA A 125 9.71 -9.63 -9.69
N GLY A 126 9.70 -10.75 -10.40
CA GLY A 126 8.93 -11.90 -9.94
C GLY A 126 9.75 -12.38 -8.75
N TRP A 127 9.33 -13.39 -8.03
CA TRP A 127 10.11 -13.80 -6.87
C TRP A 127 11.55 -14.20 -7.20
N ARG A 128 11.76 -14.91 -8.29
CA ARG A 128 13.10 -15.33 -8.67
C ARG A 128 14.04 -14.16 -8.94
N GLY A 129 13.59 -13.23 -9.78
CA GLY A 129 14.41 -12.06 -10.10
C GLY A 129 14.67 -11.18 -8.90
N LEU A 130 13.66 -11.04 -8.05
CA LEU A 130 13.78 -10.22 -6.85
C LEU A 130 14.82 -10.85 -5.93
N CYS A 131 14.73 -12.17 -5.77
CA CYS A 131 15.66 -12.89 -4.90
C CYS A 131 17.07 -12.77 -5.44
N GLU A 132 17.23 -12.85 -6.76
CA GLU A 132 18.54 -12.77 -7.40
C GLU A 132 19.20 -11.38 -7.36
N GLY A 133 18.39 -10.33 -7.27
CA GLY A 133 18.95 -8.98 -7.22
C GLY A 133 18.64 -8.03 -8.35
N VAL A 134 17.51 -8.21 -9.03
CA VAL A 134 17.15 -7.34 -10.13
C VAL A 134 17.01 -5.88 -9.68
N LEU A 135 16.44 -5.66 -8.49
CA LEU A 135 16.28 -4.31 -8.01
C LEU A 135 17.63 -3.69 -7.72
N GLU A 136 18.50 -4.46 -7.08
CA GLU A 136 19.84 -3.98 -6.75
C GLU A 136 20.58 -3.58 -8.02
N GLU A 137 20.50 -4.44 -9.04
CA GLU A 137 21.18 -4.16 -10.30
C GLU A 137 20.66 -2.89 -10.98
N THR A 138 19.35 -2.69 -10.92
CA THR A 138 18.74 -1.51 -11.53
C THR A 138 19.25 -0.24 -10.85
N VAL A 139 19.29 -0.26 -9.52
CA VAL A 139 19.76 0.88 -8.76
C VAL A 139 21.20 1.24 -9.15
N THR A 140 22.04 0.23 -9.32
CA THR A 140 23.45 0.46 -9.67
C THR A 140 23.65 1.13 -11.03
N CYS A 141 22.67 1.04 -11.92
CA CYS A 141 22.76 1.66 -13.24
C CYS A 141 22.65 3.18 -13.15
N PHE A 142 22.09 3.66 -12.05
CA PHE A 142 21.92 5.10 -11.88
C PHE A 142 23.24 5.78 -11.56
N ALA A 143 23.42 6.97 -12.11
CA ALA A 143 24.63 7.76 -11.84
C ALA A 143 24.42 8.45 -10.51
N ASP A 144 23.17 8.76 -10.18
CA ASP A 144 22.83 9.43 -8.94
C ASP A 144 23.01 8.50 -7.75
N LYS A 145 23.09 9.06 -6.56
CA LYS A 145 23.24 8.25 -5.35
C LYS A 145 21.91 7.62 -5.00
N PRO A 146 21.93 6.38 -4.47
CA PRO A 146 20.72 5.65 -4.08
C PRO A 146 19.72 6.46 -3.26
N GLU A 147 20.22 7.24 -2.31
CA GLU A 147 19.36 8.05 -1.45
C GLU A 147 18.54 9.06 -2.25
N ASN A 148 18.98 9.38 -3.46
CA ASN A 148 18.27 10.34 -4.31
C ASN A 148 17.34 9.65 -5.30
N ILE A 149 17.20 8.34 -5.17
CA ILE A 149 16.34 7.59 -6.07
C ILE A 149 15.03 7.22 -5.39
N ILE A 150 13.90 7.53 -6.02
CA ILE A 150 12.62 7.17 -5.44
C ILE A 150 12.05 6.02 -6.27
N ALA A 151 11.25 5.19 -5.63
CA ALA A 151 10.70 4.03 -6.31
C ALA A 151 9.23 3.83 -6.01
N TRP A 152 8.51 3.27 -6.98
CA TRP A 152 7.09 2.99 -6.82
C TRP A 152 6.85 1.49 -7.02
N LEU A 153 6.23 0.88 -6.03
CA LEU A 153 5.90 -0.54 -6.09
C LEU A 153 4.54 -0.65 -6.78
N GLY A 154 4.52 -1.31 -7.93
CA GLY A 154 3.29 -1.45 -8.69
C GLY A 154 2.40 -2.59 -8.23
N PRO A 155 1.19 -2.71 -8.81
CA PRO A 155 0.23 -3.77 -8.47
C PRO A 155 0.84 -5.15 -8.68
N ALA A 156 0.88 -5.95 -7.62
CA ALA A 156 1.43 -7.30 -7.66
C ALA A 156 0.54 -8.19 -6.79
N ILE A 157 0.84 -9.49 -6.69
CA ILE A 157 0.02 -10.34 -5.83
C ILE A 157 0.40 -10.04 -4.37
N GLY A 158 -0.61 -9.65 -3.58
CA GLY A 158 -0.40 -9.28 -2.19
C GLY A 158 -0.09 -10.34 -1.17
N PRO A 159 0.39 -9.93 0.02
CA PRO A 159 0.73 -10.86 1.11
C PRO A 159 -0.42 -11.68 1.69
N ALA A 160 -1.66 -11.32 1.37
CA ALA A 160 -2.79 -12.09 1.88
C ALA A 160 -3.09 -13.24 0.92
N ALA A 161 -2.56 -13.17 -0.29
CA ALA A 161 -2.81 -14.20 -1.29
C ALA A 161 -1.59 -14.88 -1.92
N PHE A 162 -0.39 -14.36 -1.68
CA PHE A 162 0.81 -14.95 -2.29
C PHE A 162 1.37 -16.18 -1.57
N GLU A 163 0.75 -17.32 -1.82
CA GLU A 163 1.20 -18.57 -1.20
C GLU A 163 2.38 -19.17 -1.96
N VAL A 164 3.43 -19.52 -1.23
CA VAL A 164 4.62 -20.09 -1.84
C VAL A 164 5.11 -21.29 -1.04
N GLY A 165 5.90 -22.15 -1.69
CA GLY A 165 6.42 -23.31 -0.99
C GLY A 165 7.62 -22.94 -0.13
N PRO A 166 8.05 -23.83 0.76
CA PRO A 166 9.20 -23.55 1.63
C PRO A 166 10.50 -23.24 0.87
N GLU A 167 10.62 -23.75 -0.36
CA GLU A 167 11.82 -23.51 -1.14
C GLU A 167 11.97 -22.03 -1.49
N VAL A 168 10.86 -21.32 -1.59
CA VAL A 168 10.89 -19.89 -1.90
C VAL A 168 11.40 -19.14 -0.67
N ARG A 169 10.86 -19.48 0.50
CA ARG A 169 11.30 -18.84 1.73
C ARG A 169 12.79 -19.13 1.95
N ASP A 170 13.20 -20.37 1.70
CA ASP A 170 14.61 -20.75 1.86
C ASP A 170 15.51 -19.93 0.94
N ALA A 171 15.06 -19.70 -0.29
CA ALA A 171 15.84 -18.93 -1.25
C ALA A 171 16.08 -17.51 -0.78
N PHE A 172 15.04 -16.86 -0.25
CA PHE A 172 15.20 -15.50 0.24
C PHE A 172 15.98 -15.47 1.55
N LEU A 173 15.73 -16.44 2.42
CA LEU A 173 16.40 -16.51 3.71
C LEU A 173 17.92 -16.73 3.57
N ALA A 174 18.31 -17.52 2.57
CA ALA A 174 19.73 -17.79 2.35
C ALA A 174 20.53 -16.54 1.99
N LYS A 175 19.85 -15.49 1.53
CA LYS A 175 20.55 -14.25 1.15
C LYS A 175 20.34 -13.04 2.07
N ASP A 176 19.40 -13.13 3.01
CA ASP A 176 19.13 -11.99 3.89
C ASP A 176 18.28 -12.50 5.07
N ALA A 177 18.85 -12.46 6.27
CA ALA A 177 18.15 -12.91 7.47
C ALA A 177 16.80 -12.24 7.69
N GLN A 178 16.74 -10.93 7.41
CA GLN A 178 15.49 -10.21 7.60
C GLN A 178 14.35 -10.67 6.70
N ALA A 179 14.66 -11.45 5.66
CA ALA A 179 13.61 -11.94 4.77
C ALA A 179 12.63 -12.84 5.52
N ASP A 180 13.06 -13.33 6.68
CA ASP A 180 12.23 -14.20 7.51
C ASP A 180 10.90 -13.51 7.89
N SER A 181 10.96 -12.20 8.11
CA SER A 181 9.78 -11.43 8.49
C SER A 181 8.72 -11.33 7.38
N ALA A 182 9.12 -11.57 6.14
CA ALA A 182 8.18 -11.45 5.03
C ALA A 182 7.40 -12.73 4.74
N PHE A 183 7.63 -13.78 5.52
CA PHE A 183 6.93 -15.05 5.32
C PHE A 183 6.13 -15.49 6.55
N LEU A 184 4.83 -15.68 6.34
CA LEU A 184 3.92 -16.11 7.41
C LEU A 184 3.52 -17.56 7.15
N PRO A 185 3.74 -18.45 8.15
CA PRO A 185 3.38 -19.86 7.98
C PRO A 185 1.93 -20.02 7.53
N HIS A 186 1.70 -20.87 6.55
CA HIS A 186 0.37 -21.12 6.02
C HIS A 186 0.31 -22.63 5.76
N GLY A 187 0.07 -23.39 6.82
CA GLY A 187 0.06 -24.84 6.69
C GLY A 187 1.49 -25.24 6.42
N GLU A 188 1.69 -26.08 5.41
CA GLU A 188 3.03 -26.53 5.03
C GLU A 188 3.70 -25.47 4.14
N LYS A 189 2.97 -24.41 3.83
CA LYS A 189 3.49 -23.35 2.98
C LYS A 189 3.60 -22.01 3.71
N PHE A 190 3.78 -20.94 2.94
CA PHE A 190 3.90 -19.61 3.52
C PHE A 190 3.20 -18.56 2.67
N LEU A 191 2.74 -17.50 3.31
CA LEU A 191 2.15 -16.39 2.57
C LEU A 191 3.33 -15.41 2.53
N ALA A 192 3.67 -14.93 1.34
CA ALA A 192 4.81 -14.02 1.18
C ALA A 192 4.42 -12.59 0.86
N ASP A 193 5.14 -11.64 1.45
CA ASP A 193 4.89 -10.23 1.20
C ASP A 193 5.98 -9.78 0.23
N ILE A 194 5.64 -9.73 -1.05
CA ILE A 194 6.58 -9.33 -2.08
C ILE A 194 6.95 -7.86 -1.96
N TYR A 195 6.03 -7.05 -1.42
CA TYR A 195 6.29 -5.63 -1.25
C TYR A 195 7.35 -5.44 -0.15
N GLN A 196 7.17 -6.16 0.95
CA GLN A 196 8.10 -6.10 2.08
C GLN A 196 9.49 -6.52 1.64
N LEU A 197 9.56 -7.59 0.84
CA LEU A 197 10.84 -8.08 0.36
C LEU A 197 11.50 -7.04 -0.56
N ALA A 198 10.70 -6.38 -1.39
CA ALA A 198 11.22 -5.36 -2.29
C ALA A 198 11.76 -4.18 -1.49
N ARG A 199 11.02 -3.76 -0.46
CA ARG A 199 11.46 -2.65 0.36
C ARG A 199 12.76 -2.99 1.10
N GLN A 200 12.93 -4.26 1.45
CA GLN A 200 14.14 -4.74 2.13
C GLN A 200 15.36 -4.63 1.21
N ARG A 201 15.23 -5.17 0.00
CA ARG A 201 16.34 -5.15 -0.94
C ARG A 201 16.65 -3.71 -1.39
N LEU A 202 15.63 -2.89 -1.57
CA LEU A 202 15.85 -1.51 -1.96
C LEU A 202 16.58 -0.79 -0.83
N ALA A 203 16.16 -1.05 0.41
CA ALA A 203 16.78 -0.43 1.57
C ALA A 203 18.23 -0.88 1.73
N ASN A 204 18.53 -2.10 1.29
CA ASN A 204 19.89 -2.62 1.37
C ASN A 204 20.83 -1.79 0.49
N THR A 205 20.31 -1.27 -0.63
CA THR A 205 21.14 -0.49 -1.55
C THR A 205 21.20 0.99 -1.24
N GLY A 206 20.43 1.43 -0.23
CA GLY A 206 20.44 2.84 0.12
C GLY A 206 19.22 3.63 -0.35
N VAL A 207 18.26 2.95 -0.95
CA VAL A 207 17.07 3.65 -1.41
C VAL A 207 16.15 3.83 -0.20
N GLU A 208 15.76 5.06 0.06
CA GLU A 208 14.91 5.37 1.22
C GLU A 208 13.44 5.62 0.90
N HIS A 209 13.16 6.28 -0.22
CA HIS A 209 11.79 6.62 -0.57
C HIS A 209 11.13 5.64 -1.52
N VAL A 210 10.33 4.75 -0.95
CA VAL A 210 9.62 3.72 -1.72
C VAL A 210 8.11 3.95 -1.54
N TYR A 211 7.40 4.05 -2.65
CA TYR A 211 5.95 4.30 -2.63
C TYR A 211 5.14 3.17 -3.26
N GLY A 212 3.82 3.29 -3.21
CA GLY A 212 2.96 2.26 -3.78
C GLY A 212 2.93 1.02 -2.91
N GLY A 213 2.41 -0.09 -3.46
CA GLY A 213 2.35 -1.34 -2.71
C GLY A 213 0.98 -1.54 -2.08
N ASP A 214 0.00 -0.78 -2.56
CA ASP A 214 -1.36 -0.82 -2.06
C ASP A 214 -2.33 -1.78 -2.75
N ARG A 215 -1.84 -2.57 -3.70
CA ARG A 215 -2.73 -3.46 -4.43
C ARG A 215 -2.47 -4.96 -4.29
N CYS A 216 -3.40 -5.74 -4.82
CA CYS A 216 -3.32 -7.18 -4.83
C CYS A 216 -4.00 -7.67 -6.11
N THR A 217 -3.19 -8.04 -7.10
CA THR A 217 -3.68 -8.50 -8.38
C THR A 217 -4.60 -9.72 -8.29
N PHE A 218 -4.36 -10.57 -7.29
CA PHE A 218 -5.16 -11.79 -7.09
C PHE A 218 -6.57 -11.50 -6.60
N SER A 219 -6.68 -10.60 -5.62
CA SER A 219 -7.96 -10.23 -5.02
C SER A 219 -8.81 -9.26 -5.85
N GLU A 220 -8.17 -8.26 -6.45
CA GLU A 220 -8.89 -7.27 -7.26
C GLU A 220 -9.06 -7.76 -8.69
N SER A 221 -9.83 -8.85 -8.85
CA SER A 221 -10.07 -9.48 -10.13
C SER A 221 -10.71 -8.60 -11.19
N GLU A 222 -11.50 -7.63 -10.75
CA GLU A 222 -12.18 -6.74 -11.68
C GLU A 222 -11.22 -5.68 -12.22
N THR A 223 -10.05 -5.57 -11.60
CA THR A 223 -9.07 -4.58 -12.03
C THR A 223 -7.80 -5.15 -12.68
N PHE A 224 -7.31 -6.27 -12.14
CA PHE A 224 -6.08 -6.87 -12.63
C PHE A 224 -6.16 -8.33 -13.05
N PHE A 225 -5.28 -8.70 -13.98
CA PHE A 225 -5.16 -10.08 -14.43
C PHE A 225 -4.27 -10.71 -13.37
N SER A 226 -4.40 -12.02 -13.16
CA SER A 226 -3.57 -12.72 -12.18
C SER A 226 -3.26 -14.13 -12.66
N TYR A 227 -1.97 -14.41 -12.87
CA TYR A 227 -1.54 -15.73 -13.32
C TYR A 227 -1.88 -16.80 -12.28
N ARG A 228 -1.77 -16.45 -11.00
CA ARG A 228 -2.06 -17.40 -9.93
C ARG A 228 -3.56 -17.71 -9.85
N ARG A 229 -4.39 -16.70 -10.10
CA ARG A 229 -5.85 -16.90 -10.04
C ARG A 229 -6.32 -17.63 -11.29
N ASP A 230 -5.85 -17.16 -12.44
CA ASP A 230 -6.19 -17.73 -13.73
C ASP A 230 -4.90 -18.03 -14.49
N LYS A 231 -4.49 -19.30 -14.49
CA LYS A 231 -3.27 -19.70 -15.17
C LYS A 231 -3.16 -19.09 -16.57
N THR A 232 -4.21 -19.22 -17.37
CA THR A 232 -4.21 -18.63 -18.71
C THR A 232 -4.93 -17.29 -18.61
N THR A 233 -4.20 -16.19 -18.80
CA THR A 233 -4.82 -14.88 -18.67
C THR A 233 -4.03 -13.76 -19.36
N GLY A 234 -4.48 -12.52 -19.18
CA GLY A 234 -3.81 -11.39 -19.80
C GLY A 234 -2.63 -10.87 -19.02
N ARG A 235 -2.11 -9.73 -19.44
CA ARG A 235 -0.96 -9.11 -18.79
C ARG A 235 -1.10 -7.60 -18.72
N MET A 236 -0.61 -7.02 -17.64
CA MET A 236 -0.62 -5.56 -17.48
C MET A 236 0.81 -5.12 -17.71
N ALA A 237 1.04 -3.82 -17.72
CA ALA A 237 2.38 -3.28 -17.88
C ALA A 237 2.51 -1.95 -17.15
N SER A 238 3.73 -1.64 -16.73
CA SER A 238 4.03 -0.41 -16.03
C SER A 238 5.08 0.32 -16.88
N PHE A 239 4.91 1.63 -17.03
CA PHE A 239 5.81 2.42 -17.87
C PHE A 239 6.33 3.67 -17.19
N ILE A 240 7.50 4.13 -17.62
CA ILE A 240 8.06 5.36 -17.09
C ILE A 240 9.03 5.96 -18.12
N TRP A 241 8.99 7.28 -18.24
CA TRP A 241 9.84 7.95 -19.21
C TRP A 241 10.14 9.40 -18.85
N LEU A 242 11.23 9.91 -19.38
CA LEU A 242 11.61 11.29 -19.16
C LEU A 242 10.84 12.07 -20.22
N ILE A 243 10.14 13.12 -19.81
CA ILE A 243 9.36 13.92 -20.74
C ILE A 243 10.30 14.73 -21.64
N MET B 1 -21.01 -2.11 0.64
CA MET B 1 -19.97 -2.54 -0.35
C MET B 1 -18.96 -1.41 -0.58
N ASN B 2 -19.37 -0.35 -1.29
CA ASN B 2 -18.47 0.77 -1.52
C ASN B 2 -18.39 1.60 -0.25
N ALA B 3 -19.33 1.39 0.65
CA ALA B 3 -19.38 2.12 1.92
C ALA B 3 -18.44 1.50 2.94
N LEU B 4 -17.88 0.34 2.60
CA LEU B 4 -17.01 -0.35 3.54
C LEU B 4 -15.79 -1.01 2.91
N ILE B 5 -14.68 -0.95 3.64
CA ILE B 5 -13.41 -1.54 3.21
C ILE B 5 -13.14 -2.76 4.10
N VAL B 6 -12.87 -3.90 3.46
CA VAL B 6 -12.55 -5.12 4.20
C VAL B 6 -11.03 -5.28 4.17
N PRO B 7 -10.39 -5.20 5.35
CA PRO B 7 -8.94 -5.36 5.39
C PRO B 7 -8.47 -6.65 4.76
N GLN B 8 -7.49 -6.57 3.86
CA GLN B 8 -6.97 -7.76 3.23
C GLN B 8 -5.75 -8.25 3.99
N TRP B 9 -5.96 -9.29 4.79
CA TRP B 9 -4.91 -9.90 5.60
C TRP B 9 -5.44 -11.26 6.06
N PRO B 10 -4.54 -12.15 6.50
CA PRO B 10 -4.90 -13.50 6.97
C PRO B 10 -5.64 -13.45 8.31
N LEU B 11 -6.81 -12.84 8.30
CA LEU B 11 -7.63 -12.70 9.51
C LEU B 11 -7.98 -14.07 10.08
N PRO B 12 -7.64 -14.32 11.36
CA PRO B 12 -7.96 -15.61 11.97
C PRO B 12 -9.48 -15.80 12.11
N LYS B 13 -9.89 -17.06 12.22
CA LYS B 13 -11.29 -17.44 12.34
C LYS B 13 -12.17 -16.62 13.28
N GLY B 14 -11.75 -16.45 14.53
CA GLY B 14 -12.58 -15.71 15.47
C GLY B 14 -12.52 -14.20 15.48
N VAL B 15 -12.04 -13.60 14.39
CA VAL B 15 -11.92 -12.14 14.31
C VAL B 15 -12.63 -11.51 13.11
N ALA B 16 -13.15 -10.31 13.31
CA ALA B 16 -13.84 -9.58 12.25
C ALA B 16 -13.35 -8.14 12.29
N ALA B 17 -13.34 -7.47 11.13
CA ALA B 17 -12.88 -6.10 11.06
C ALA B 17 -13.33 -5.39 9.79
N CYS B 18 -13.49 -4.07 9.87
CA CYS B 18 -13.91 -3.28 8.71
C CYS B 18 -13.53 -1.81 8.89
N SER B 19 -13.51 -1.07 7.77
CA SER B 19 -13.15 0.35 7.79
C SER B 19 -14.10 1.08 6.84
N SER B 20 -14.67 2.19 7.30
CA SER B 20 -15.63 2.92 6.48
C SER B 20 -15.04 3.90 5.48
N THR B 21 -15.88 4.33 4.54
CA THR B 21 -15.51 5.29 3.52
C THR B 21 -16.59 6.37 3.62
N ARG B 22 -16.58 7.35 2.72
CA ARG B 22 -17.57 8.42 2.76
C ARG B 22 -18.85 8.08 1.99
N ILE B 23 -18.84 6.96 1.31
CA ILE B 23 -19.97 6.52 0.48
C ILE B 23 -21.05 5.75 1.22
N GLY B 24 -22.30 5.97 0.83
CA GLY B 24 -23.42 5.24 1.42
C GLY B 24 -24.19 5.83 2.59
N GLY B 25 -23.94 7.09 2.93
CA GLY B 25 -24.63 7.71 4.04
C GLY B 25 -25.75 8.66 3.66
N VAL B 26 -26.13 9.52 4.61
CA VAL B 26 -27.21 10.48 4.40
C VAL B 26 -26.80 11.93 4.67
N SER B 27 -25.55 12.15 5.04
CA SER B 27 -25.08 13.51 5.32
C SER B 27 -24.89 14.30 4.03
N LEU B 28 -25.04 15.62 4.12
CA LEU B 28 -24.89 16.51 2.98
C LEU B 28 -23.54 17.24 3.04
N SER B 29 -23.12 17.82 1.92
CA SER B 29 -21.85 18.54 1.84
C SER B 29 -21.69 19.52 3.01
N PRO B 30 -20.47 19.63 3.57
CA PRO B 30 -19.24 18.94 3.18
C PRO B 30 -19.02 17.58 3.85
N TYR B 31 -20.05 17.03 4.46
CA TYR B 31 -19.92 15.73 5.12
C TYR B 31 -20.63 14.70 4.26
N ASP B 32 -20.88 15.05 3.00
CA ASP B 32 -21.66 14.18 2.15
C ASP B 32 -21.51 12.70 2.28
N SER B 33 -22.74 12.21 2.83
CA SER B 33 -22.90 10.77 2.93
C SER B 33 -22.44 10.21 4.28
N LEU B 34 -21.59 9.21 4.28
CA LEU B 34 -21.27 8.48 5.50
C LEU B 34 -20.33 9.08 6.53
N ASN B 35 -20.75 10.18 7.14
CA ASN B 35 -19.95 10.83 8.17
C ASN B 35 -20.34 10.19 9.50
N LEU B 36 -19.37 9.64 10.22
CA LEU B 36 -19.62 9.00 11.50
C LEU B 36 -19.23 9.89 12.67
N GLY B 37 -18.65 11.04 12.38
CA GLY B 37 -18.22 11.95 13.44
C GLY B 37 -19.31 12.84 13.98
N ALA B 38 -19.44 12.87 15.31
CA ALA B 38 -20.47 13.67 15.96
C ALA B 38 -19.96 15.02 16.44
N HIS B 39 -18.67 15.30 16.27
CA HIS B 39 -18.15 16.58 16.73
C HIS B 39 -17.44 17.39 15.66
N CYS B 40 -17.90 17.29 14.42
CA CYS B 40 -17.29 18.06 13.35
C CYS B 40 -18.24 19.05 12.68
N GLY B 41 -19.43 19.22 13.27
CA GLY B 41 -20.40 20.17 12.74
C GLY B 41 -21.54 19.65 11.88
N ASP B 42 -21.67 18.34 11.75
CA ASP B 42 -22.73 17.78 10.92
C ASP B 42 -24.08 17.73 11.65
N ASN B 43 -25.10 17.35 10.90
CA ASN B 43 -26.45 17.21 11.43
C ASN B 43 -26.39 15.97 12.32
N PRO B 44 -26.65 16.12 13.63
CA PRO B 44 -26.59 14.96 14.53
C PRO B 44 -27.50 13.80 14.12
N GLU B 45 -28.66 14.12 13.55
CA GLU B 45 -29.58 13.08 13.11
C GLU B 45 -28.97 12.28 11.98
N HIS B 46 -28.27 12.95 11.08
CA HIS B 46 -27.62 12.27 9.96
C HIS B 46 -26.49 11.38 10.45
N VAL B 47 -25.72 11.86 11.43
CA VAL B 47 -24.61 11.06 11.96
C VAL B 47 -25.13 9.77 12.58
N GLU B 48 -26.26 9.84 13.27
CA GLU B 48 -26.84 8.66 13.89
C GLU B 48 -27.25 7.66 12.82
N GLU B 49 -27.91 8.15 11.77
CA GLU B 49 -28.33 7.27 10.68
C GLU B 49 -27.11 6.65 9.99
N ASN B 50 -26.07 7.44 9.79
CA ASN B 50 -24.85 6.93 9.15
C ASN B 50 -24.27 5.81 10.01
N ARG B 51 -24.25 6.02 11.33
CA ARG B 51 -23.73 5.02 12.25
C ARG B 51 -24.54 3.74 12.22
N LYS B 52 -25.87 3.86 12.19
CA LYS B 52 -26.72 2.68 12.13
C LYS B 52 -26.44 1.90 10.86
N ARG B 53 -26.30 2.62 9.76
CA ARG B 53 -26.03 1.98 8.49
C ARG B 53 -24.71 1.21 8.48
N LEU B 54 -23.64 1.86 8.94
CA LEU B 54 -22.34 1.20 8.97
C LEU B 54 -22.32 0.02 9.92
N PHE B 55 -22.84 0.22 11.14
CA PHE B 55 -22.85 -0.84 12.13
C PHE B 55 -23.54 -2.09 11.60
N ALA B 56 -24.65 -1.89 10.89
CA ALA B 56 -25.40 -3.01 10.32
C ALA B 56 -24.63 -3.64 9.16
N ALA B 57 -24.09 -2.82 8.28
CA ALA B 57 -23.34 -3.30 7.12
C ALA B 57 -22.06 -4.02 7.55
N GLY B 58 -21.46 -3.56 8.64
CA GLY B 58 -20.24 -4.17 9.14
C GLY B 58 -20.55 -5.35 10.03
N ASN B 59 -21.81 -5.44 10.42
CA ASN B 59 -22.29 -6.51 11.28
C ASN B 59 -21.57 -6.51 12.63
N LEU B 60 -21.44 -5.33 13.23
CA LEU B 60 -20.78 -5.22 14.53
C LEU B 60 -21.72 -5.89 15.54
N PRO B 61 -21.16 -6.61 16.52
CA PRO B 61 -21.96 -7.28 17.54
C PRO B 61 -22.54 -6.35 18.60
N SER B 62 -21.92 -5.19 18.76
CA SER B 62 -22.36 -4.19 19.73
C SER B 62 -21.82 -2.81 19.32
N LYS B 63 -22.23 -1.77 20.04
CA LYS B 63 -21.78 -0.43 19.71
C LYS B 63 -20.31 -0.22 20.02
N PRO B 64 -19.58 0.42 19.10
CA PRO B 64 -18.15 0.67 19.29
C PRO B 64 -17.86 1.53 20.52
N VAL B 65 -16.76 1.23 21.20
CA VAL B 65 -16.39 2.01 22.37
C VAL B 65 -15.60 3.20 21.89
N TRP B 66 -16.31 4.23 21.46
CA TRP B 66 -15.66 5.45 20.97
C TRP B 66 -14.76 6.03 22.05
N LEU B 67 -13.60 6.55 21.63
CA LEU B 67 -12.65 7.14 22.57
C LEU B 67 -12.60 8.65 22.44
N GLU B 68 -12.10 9.30 23.49
CA GLU B 68 -11.91 10.74 23.50
C GLU B 68 -10.48 10.83 23.00
N GLN B 69 -10.31 10.84 21.68
CA GLN B 69 -8.98 10.89 21.09
C GLN B 69 -8.32 12.25 21.30
N VAL B 70 -7.11 12.22 21.85
CA VAL B 70 -6.36 13.45 22.13
C VAL B 70 -4.97 13.43 21.50
N HIS B 71 -4.81 12.59 20.49
CA HIS B 71 -3.53 12.49 19.78
C HIS B 71 -2.39 12.13 20.70
N GLY B 72 -2.68 11.30 21.72
CA GLY B 72 -1.67 10.87 22.66
C GLY B 72 -1.23 9.45 22.36
N LYS B 73 -0.77 8.73 23.38
CA LYS B 73 -0.33 7.36 23.21
C LYS B 73 -0.94 6.43 24.24
N ASN B 74 -2.00 6.88 24.90
CA ASN B 74 -2.65 6.06 25.92
C ASN B 74 -3.57 5.02 25.31
N VAL B 75 -3.51 3.80 25.87
CA VAL B 75 -4.32 2.69 25.39
C VAL B 75 -5.39 2.34 26.43
N LEU B 76 -6.63 2.20 25.98
CA LEU B 76 -7.71 1.87 26.88
C LEU B 76 -8.11 0.40 26.77
N ARG B 77 -7.85 -0.37 27.83
CA ARG B 77 -8.25 -1.77 27.83
C ARG B 77 -9.77 -1.75 28.04
N LEU B 78 -10.52 -2.32 27.10
CA LEU B 78 -11.97 -2.33 27.19
C LEU B 78 -12.45 -3.41 28.15
N THR B 79 -12.34 -3.11 29.45
CA THR B 79 -12.72 -4.04 30.50
C THR B 79 -14.14 -3.88 31.06
N GLY B 80 -14.86 -2.86 30.64
CA GLY B 80 -16.20 -2.67 31.15
C GLY B 80 -16.64 -1.23 31.23
N GLU B 81 -17.75 -0.94 30.57
CA GLU B 81 -18.35 0.40 30.49
C GLU B 81 -17.97 1.45 31.54
N PRO B 82 -18.07 1.12 32.83
CA PRO B 82 -17.70 2.13 33.84
C PRO B 82 -16.21 2.51 33.84
N TYR B 83 -15.82 3.43 32.96
CA TYR B 83 -14.42 3.84 32.88
C TYR B 83 -14.12 5.14 33.60
N ALA B 84 -12.91 5.26 34.13
CA ALA B 84 -12.53 6.47 34.83
C ALA B 84 -12.27 7.57 33.80
N SER B 85 -11.88 7.16 32.60
CA SER B 85 -11.60 8.09 31.51
C SER B 85 -11.38 7.38 30.19
N LYS B 86 -12.06 7.85 29.14
CA LYS B 86 -11.91 7.26 27.82
C LYS B 86 -10.98 8.14 26.99
N ARG B 87 -10.20 8.94 27.70
CA ARG B 87 -9.23 9.85 27.09
C ARG B 87 -8.06 9.00 26.59
N ALA B 88 -8.20 8.45 25.39
CA ALA B 88 -7.16 7.58 24.83
C ALA B 88 -7.15 7.62 23.31
N ASP B 89 -6.11 7.05 22.73
CA ASP B 89 -5.98 7.03 21.27
C ASP B 89 -5.81 5.62 20.70
N ALA B 90 -6.14 4.62 21.53
CA ALA B 90 -6.09 3.21 21.12
C ALA B 90 -6.84 2.40 22.17
N SER B 91 -7.43 1.29 21.74
CA SER B 91 -8.14 0.42 22.67
C SER B 91 -7.74 -1.03 22.44
N TYR B 92 -7.85 -1.83 23.51
CA TYR B 92 -7.48 -3.24 23.47
C TYR B 92 -8.63 -4.10 24.00
N SER B 93 -8.82 -5.27 23.41
CA SER B 93 -9.88 -6.16 23.85
C SER B 93 -9.55 -7.64 23.70
N ASN B 94 -10.00 -8.43 24.65
CA ASN B 94 -9.82 -9.87 24.60
C ASN B 94 -11.17 -10.47 24.99
N THR B 95 -12.21 -9.64 24.88
CA THR B 95 -13.58 -10.05 25.22
C THR B 95 -14.45 -10.11 23.97
N PRO B 96 -14.97 -11.31 23.64
CA PRO B 96 -15.82 -11.45 22.46
C PRO B 96 -16.98 -10.46 22.49
N GLY B 97 -17.30 -9.87 21.34
CA GLY B 97 -18.40 -8.93 21.27
C GLY B 97 -18.05 -7.47 21.48
N THR B 98 -16.88 -7.19 22.05
CA THR B 98 -16.47 -5.81 22.28
C THR B 98 -15.81 -5.26 21.02
N VAL B 99 -16.27 -4.09 20.60
CA VAL B 99 -15.74 -3.47 19.38
C VAL B 99 -14.72 -2.36 19.62
N CYS B 100 -13.51 -2.56 19.09
CA CYS B 100 -12.47 -1.54 19.20
C CYS B 100 -12.64 -0.64 17.98
N ALA B 101 -12.56 0.66 18.17
CA ALA B 101 -12.73 1.57 17.05
C ALA B 101 -11.95 2.88 17.19
N VAL B 102 -11.48 3.39 16.07
CA VAL B 102 -10.76 4.66 16.03
C VAL B 102 -11.31 5.50 14.89
N MET B 103 -11.47 6.80 15.13
CA MET B 103 -12.01 7.72 14.15
C MET B 103 -10.91 8.52 13.48
N THR B 104 -10.96 8.65 12.16
CA THR B 104 -9.94 9.39 11.42
C THR B 104 -10.46 10.10 10.16
N ALA B 105 -9.60 10.97 9.64
CA ALA B 105 -9.84 11.74 8.42
C ALA B 105 -8.50 12.24 7.94
N ASP B 106 -7.53 11.33 7.84
CA ASP B 106 -6.15 11.59 7.40
C ASP B 106 -5.16 10.84 8.30
N CYS B 107 -5.43 10.85 9.60
CA CYS B 107 -4.56 10.17 10.54
C CYS B 107 -4.62 8.67 10.30
N LEU B 108 -3.52 8.01 10.60
CA LEU B 108 -3.37 6.58 10.39
C LEU B 108 -4.08 5.68 11.37
N PRO B 109 -5.04 4.86 10.87
CA PRO B 109 -5.74 3.95 11.77
C PRO B 109 -5.00 2.62 11.64
N VAL B 110 -4.78 1.94 12.76
CA VAL B 110 -4.09 0.65 12.73
C VAL B 110 -4.88 -0.39 13.51
N LEU B 111 -5.09 -1.55 12.90
CA LEU B 111 -5.81 -2.63 13.55
C LEU B 111 -4.87 -3.77 13.87
N PHE B 112 -5.04 -4.37 15.05
CA PHE B 112 -4.17 -5.46 15.49
C PHE B 112 -4.98 -6.67 15.93
N CYS B 113 -4.38 -7.84 15.80
CA CYS B 113 -4.98 -9.10 16.24
C CYS B 113 -3.88 -10.14 16.19
N ASN B 114 -3.93 -11.12 17.09
CA ASN B 114 -2.92 -12.16 17.10
C ASN B 114 -3.36 -13.30 16.21
N ARG B 115 -2.41 -14.11 15.76
CA ARG B 115 -2.71 -15.23 14.88
C ARG B 115 -3.76 -16.18 15.47
N GLU B 116 -3.75 -16.34 16.78
CA GLU B 116 -4.71 -17.22 17.45
C GLU B 116 -6.12 -16.63 17.44
N GLY B 117 -6.21 -15.33 17.22
CA GLY B 117 -7.51 -14.69 17.19
C GLY B 117 -8.18 -14.61 18.55
N THR B 118 -7.43 -14.24 19.58
CA THR B 118 -7.99 -14.12 20.93
C THR B 118 -7.74 -12.73 21.53
N GLU B 119 -7.06 -11.87 20.78
CA GLU B 119 -6.76 -10.50 21.21
C GLU B 119 -6.82 -9.59 19.99
N VAL B 120 -7.32 -8.37 20.16
CA VAL B 120 -7.40 -7.41 19.08
C VAL B 120 -7.22 -6.00 19.65
N ALA B 121 -7.00 -5.03 18.77
CA ALA B 121 -6.83 -3.64 19.20
C ALA B 121 -6.86 -2.71 18.00
N ALA B 122 -7.16 -1.45 18.25
CA ALA B 122 -7.22 -0.45 17.19
C ALA B 122 -6.51 0.79 17.72
N ALA B 123 -5.68 1.40 16.89
CA ALA B 123 -4.95 2.58 17.30
C ALA B 123 -5.15 3.73 16.32
N HIS B 124 -5.19 4.94 16.88
CA HIS B 124 -5.34 6.19 16.14
C HIS B 124 -3.94 6.77 16.15
N ALA B 125 -3.27 6.77 15.00
CA ALA B 125 -1.91 7.28 14.96
C ALA B 125 -1.66 8.49 14.08
N GLY B 126 -1.96 9.67 14.60
CA GLY B 126 -1.69 10.89 13.87
C GLY B 126 -0.20 11.02 14.05
N TRP B 127 0.46 11.99 13.41
CA TRP B 127 1.90 12.06 13.59
C TRP B 127 2.35 12.24 15.04
N ARG B 128 1.59 12.98 15.84
CA ARG B 128 1.96 13.19 17.24
C ARG B 128 1.97 11.88 18.04
N GLY B 129 0.85 11.17 18.03
CA GLY B 129 0.76 9.91 18.76
C GLY B 129 1.72 8.86 18.21
N LEU B 130 1.82 8.79 16.90
CA LEU B 130 2.72 7.84 16.27
C LEU B 130 4.13 8.09 16.77
N CYS B 131 4.52 9.37 16.79
CA CYS B 131 5.85 9.76 17.26
C CYS B 131 6.05 9.45 18.74
N GLU B 132 5.00 9.66 19.54
CA GLU B 132 5.05 9.41 20.97
C GLU B 132 5.17 7.93 21.33
N GLY B 133 4.61 7.07 20.47
CA GLY B 133 4.68 5.65 20.73
C GLY B 133 3.34 4.98 20.98
N VAL B 134 2.30 5.45 20.31
CA VAL B 134 0.98 4.86 20.49
C VAL B 134 0.93 3.42 19.97
N LEU B 135 1.66 3.14 18.91
CA LEU B 135 1.66 1.79 18.35
C LEU B 135 2.43 0.84 19.28
N GLU B 136 3.54 1.32 19.84
CA GLU B 136 4.33 0.48 20.74
C GLU B 136 3.54 0.18 22.01
N GLU B 137 2.80 1.17 22.50
CA GLU B 137 2.00 0.99 23.71
C GLU B 137 0.88 -0.01 23.45
N THR B 138 0.32 0.04 22.24
CA THR B 138 -0.75 -0.88 21.85
C THR B 138 -0.26 -2.32 21.82
N VAL B 139 0.88 -2.55 21.19
CA VAL B 139 1.44 -3.89 21.11
C VAL B 139 1.75 -4.44 22.51
N THR B 140 2.28 -3.60 23.39
CA THR B 140 2.61 -4.08 24.74
C THR B 140 1.40 -4.57 25.52
N CYS B 141 0.20 -4.13 25.15
CA CYS B 141 -1.02 -4.58 25.83
C CYS B 141 -1.30 -6.05 25.56
N PHE B 142 -0.77 -6.57 24.45
CA PHE B 142 -1.00 -7.96 24.10
C PHE B 142 -0.25 -8.94 25.00
N ALA B 143 -0.86 -10.09 25.24
CA ALA B 143 -0.22 -11.12 26.05
C ALA B 143 0.66 -11.95 25.14
N ASP B 144 0.22 -12.07 23.88
CA ASP B 144 0.96 -12.84 22.88
C ASP B 144 2.30 -12.16 22.56
N LYS B 145 3.18 -12.90 21.90
CA LYS B 145 4.49 -12.37 21.50
C LYS B 145 4.26 -11.43 20.32
N PRO B 146 5.07 -10.39 20.20
CA PRO B 146 4.92 -9.45 19.09
C PRO B 146 4.93 -10.11 17.71
N GLU B 147 5.80 -11.10 17.53
CA GLU B 147 5.89 -11.78 16.24
C GLU B 147 4.58 -12.45 15.85
N ASN B 148 3.73 -12.75 16.83
CA ASN B 148 2.45 -13.37 16.55
C ASN B 148 1.34 -12.35 16.34
N ILE B 149 1.70 -11.07 16.39
CA ILE B 149 0.72 -10.01 16.20
C ILE B 149 0.77 -9.45 14.80
N ILE B 150 -0.36 -9.44 14.09
CA ILE B 150 -0.39 -8.89 12.76
C ILE B 150 -1.08 -7.54 12.80
N ALA B 151 -0.67 -6.64 11.91
CA ALA B 151 -1.25 -5.30 11.88
C ALA B 151 -1.71 -4.91 10.49
N TRP B 152 -2.76 -4.12 10.46
CA TRP B 152 -3.32 -3.62 9.22
C TRP B 152 -3.32 -2.10 9.24
N LEU B 153 -2.63 -1.50 8.29
CA LEU B 153 -2.57 -0.04 8.19
C LEU B 153 -3.75 0.43 7.35
N GLY B 154 -4.63 1.23 7.96
CA GLY B 154 -5.80 1.72 7.27
C GLY B 154 -5.57 2.96 6.42
N PRO B 155 -6.59 3.41 5.65
CA PRO B 155 -6.48 4.58 4.79
C PRO B 155 -6.09 5.84 5.57
N ALA B 156 -5.00 6.47 5.12
CA ALA B 156 -4.49 7.68 5.74
C ALA B 156 -4.01 8.63 4.65
N ILE B 157 -3.51 9.80 5.03
CA ILE B 157 -3.00 10.74 4.03
C ILE B 157 -1.65 10.19 3.56
N GLY B 158 -1.51 10.03 2.24
CA GLY B 158 -0.28 9.48 1.68
C GLY B 158 0.91 10.42 1.57
N PRO B 159 2.13 9.87 1.41
CA PRO B 159 3.36 10.66 1.30
C PRO B 159 3.32 11.74 0.22
N ALA B 160 2.70 11.44 -0.92
CA ALA B 160 2.62 12.42 -2.00
C ALA B 160 1.87 13.67 -1.56
N ALA B 161 1.04 13.55 -0.54
CA ALA B 161 0.25 14.69 -0.08
C ALA B 161 0.50 15.16 1.37
N PHE B 162 1.14 14.34 2.19
CA PHE B 162 1.37 14.70 3.59
C PHE B 162 2.55 15.65 3.77
N GLU B 163 2.33 16.93 3.47
CA GLU B 163 3.38 17.92 3.62
C GLU B 163 3.45 18.38 5.08
N VAL B 164 4.64 18.29 5.67
CA VAL B 164 4.83 18.69 7.06
C VAL B 164 6.02 19.63 7.24
N GLY B 165 5.98 20.42 8.31
CA GLY B 165 7.05 21.35 8.58
C GLY B 165 8.22 20.65 9.24
N PRO B 166 9.40 21.30 9.27
CA PRO B 166 10.57 20.68 9.90
C PRO B 166 10.37 20.23 11.35
N GLU B 167 9.39 20.81 12.04
CA GLU B 167 9.13 20.42 13.42
C GLU B 167 8.69 18.97 13.53
N VAL B 168 7.89 18.51 12.56
CA VAL B 168 7.43 17.12 12.58
C VAL B 168 8.63 16.21 12.34
N ARG B 169 9.44 16.55 11.35
CA ARG B 169 10.62 15.75 11.03
C ARG B 169 11.56 15.70 12.23
N ASP B 170 11.81 16.85 12.85
CA ASP B 170 12.72 16.89 14.01
C ASP B 170 12.22 16.02 15.16
N ALA B 171 10.91 16.02 15.38
CA ALA B 171 10.32 15.22 16.44
C ALA B 171 10.64 13.74 16.24
N PHE B 172 10.37 13.22 15.04
CA PHE B 172 10.65 11.82 14.76
C PHE B 172 12.13 11.50 14.84
N LEU B 173 12.97 12.40 14.31
CA LEU B 173 14.41 12.18 14.37
C LEU B 173 14.88 12.10 15.82
N ALA B 174 14.23 12.87 16.69
CA ALA B 174 14.57 12.88 18.11
C ALA B 174 14.39 11.49 18.71
N LYS B 175 13.39 10.78 18.22
CA LYS B 175 13.08 9.42 18.69
C LYS B 175 13.98 8.37 18.04
N ASP B 176 14.22 8.51 16.75
CA ASP B 176 15.06 7.57 16.01
C ASP B 176 15.60 8.21 14.73
N ALA B 177 16.92 8.29 14.62
CA ALA B 177 17.56 8.90 13.46
C ALA B 177 17.18 8.20 12.14
N GLN B 178 16.71 6.96 12.23
CA GLN B 178 16.32 6.20 11.05
C GLN B 178 15.00 6.68 10.44
N ALA B 179 14.25 7.45 11.21
CA ALA B 179 12.97 7.97 10.73
C ALA B 179 13.19 8.98 9.61
N ASP B 180 14.43 9.41 9.44
CA ASP B 180 14.76 10.38 8.41
C ASP B 180 14.44 9.87 7.00
N SER B 181 14.41 8.54 6.85
CA SER B 181 14.12 7.93 5.55
C SER B 181 12.69 8.17 5.11
N ALA B 182 11.83 8.54 6.06
CA ALA B 182 10.42 8.77 5.76
C ALA B 182 10.08 10.20 5.36
N PHE B 183 11.09 11.06 5.29
CA PHE B 183 10.87 12.46 4.94
C PHE B 183 11.62 12.88 3.69
N LEU B 184 10.88 13.29 2.67
CA LEU B 184 11.47 13.71 1.41
C LEU B 184 11.42 15.24 1.36
N PRO B 185 12.56 15.89 1.11
CA PRO B 185 12.58 17.35 1.04
C PRO B 185 11.60 17.89 0.02
N HIS B 186 10.81 18.88 0.42
CA HIS B 186 9.82 19.49 -0.46
C HIS B 186 9.87 20.99 -0.19
N GLY B 187 10.71 21.69 -0.95
CA GLY B 187 10.85 23.11 -0.75
C GLY B 187 11.43 23.31 0.63
N GLU B 188 10.76 24.11 1.46
CA GLU B 188 11.22 24.38 2.82
C GLU B 188 10.59 23.39 3.79
N LYS B 189 9.74 22.51 3.27
CA LYS B 189 9.06 21.51 4.08
C LYS B 189 9.45 20.09 3.68
N PHE B 190 8.64 19.12 4.06
CA PHE B 190 8.90 17.72 3.75
C PHE B 190 7.63 16.96 3.44
N LEU B 191 7.75 15.89 2.66
CA LEU B 191 6.61 15.03 2.34
C LEU B 191 6.90 13.80 3.19
N ALA B 192 6.05 13.55 4.18
CA ALA B 192 6.26 12.41 5.06
C ALA B 192 5.39 11.20 4.74
N ASP B 193 5.99 10.02 4.85
CA ASP B 193 5.29 8.76 4.60
C ASP B 193 4.91 8.19 5.96
N ILE B 194 3.66 8.39 6.36
CA ILE B 194 3.20 7.90 7.66
C ILE B 194 3.21 6.37 7.73
N TYR B 195 3.05 5.71 6.60
CA TYR B 195 3.04 4.25 6.58
C TYR B 195 4.43 3.70 6.88
N GLN B 196 5.44 4.31 6.26
CA GLN B 196 6.83 3.90 6.46
C GLN B 196 7.18 4.09 7.94
N LEU B 197 6.75 5.21 8.51
CA LEU B 197 7.00 5.47 9.91
C LEU B 197 6.33 4.41 10.78
N ALA B 198 5.10 4.05 10.43
CA ALA B 198 4.39 3.03 11.19
C ALA B 198 5.08 1.68 11.07
N ARG B 199 5.55 1.34 9.87
CA ARG B 199 6.24 0.06 9.69
C ARG B 199 7.55 0.01 10.49
N GLN B 200 8.22 1.16 10.60
CA GLN B 200 9.47 1.23 11.35
C GLN B 200 9.20 0.96 12.83
N ARG B 201 8.25 1.70 13.40
CA ARG B 201 7.92 1.53 14.81
C ARG B 201 7.42 0.11 15.07
N LEU B 202 6.57 -0.41 14.19
CA LEU B 202 6.05 -1.75 14.38
C LEU B 202 7.17 -2.79 14.37
N ALA B 203 8.11 -2.66 13.44
CA ALA B 203 9.23 -3.60 13.37
C ALA B 203 10.01 -3.54 14.69
N ASN B 204 10.19 -2.33 15.21
CA ASN B 204 10.92 -2.11 16.47
C ASN B 204 10.37 -2.93 17.63
N THR B 205 9.06 -3.14 17.65
CA THR B 205 8.41 -3.89 18.72
C THR B 205 8.47 -5.40 18.50
N GLY B 206 8.83 -5.80 17.29
CA GLY B 206 8.91 -7.21 16.99
C GLY B 206 7.82 -7.70 16.06
N VAL B 207 6.86 -6.82 15.75
CA VAL B 207 5.78 -7.18 14.85
C VAL B 207 6.43 -7.34 13.48
N GLU B 208 6.11 -8.43 12.77
CA GLU B 208 6.70 -8.69 11.47
C GLU B 208 5.78 -8.52 10.28
N HIS B 209 4.54 -8.98 10.42
CA HIS B 209 3.59 -8.92 9.32
C HIS B 209 2.64 -7.73 9.41
N VAL B 210 2.85 -6.77 8.51
CA VAL B 210 2.01 -5.57 8.47
C VAL B 210 1.36 -5.53 7.09
N TYR B 211 0.05 -5.30 7.08
CA TYR B 211 -0.74 -5.27 5.85
C TYR B 211 -1.31 -3.90 5.55
N GLY B 212 -1.90 -3.74 4.38
CA GLY B 212 -2.48 -2.46 4.02
C GLY B 212 -1.43 -1.39 3.73
N GLY B 213 -1.76 -0.14 4.03
CA GLY B 213 -0.85 0.97 3.78
C GLY B 213 -1.15 1.44 2.38
N ASP B 214 -2.23 0.83 1.89
CA ASP B 214 -2.80 0.98 0.57
C ASP B 214 -3.65 2.20 0.21
N ARG B 215 -3.45 3.38 0.80
CA ARG B 215 -4.32 4.49 0.43
C ARG B 215 -3.79 5.90 0.64
N CYS B 216 -4.59 6.86 0.18
CA CYS B 216 -4.31 8.28 0.34
C CYS B 216 -5.65 8.99 0.41
N THR B 217 -6.05 9.32 1.64
CA THR B 217 -7.32 9.98 1.89
C THR B 217 -7.44 11.32 1.18
N PHE B 218 -6.32 12.01 0.98
CA PHE B 218 -6.31 13.32 0.31
C PHE B 218 -6.65 13.17 -1.18
N SER B 219 -5.95 12.26 -1.86
CA SER B 219 -6.15 12.04 -3.29
C SER B 219 -7.46 11.35 -3.67
N GLU B 220 -7.84 10.32 -2.93
CA GLU B 220 -9.07 9.58 -3.24
C GLU B 220 -10.27 10.28 -2.62
N SER B 221 -10.54 11.49 -3.10
CA SER B 221 -11.63 12.31 -2.60
C SER B 221 -13.02 11.72 -2.77
N GLU B 222 -13.17 10.84 -3.75
CA GLU B 222 -14.47 10.22 -3.98
C GLU B 222 -14.72 9.13 -2.93
N THR B 223 -13.65 8.67 -2.30
CA THR B 223 -13.75 7.61 -1.31
C THR B 223 -13.55 8.01 0.15
N PHE B 224 -12.68 8.99 0.41
CA PHE B 224 -12.41 9.39 1.78
C PHE B 224 -12.56 10.86 2.12
N PHE B 225 -12.80 11.14 3.40
CA PHE B 225 -12.89 12.51 3.90
C PHE B 225 -11.42 12.82 4.17
N SER B 226 -11.04 14.09 4.12
CA SER B 226 -9.66 14.49 4.40
C SER B 226 -9.62 15.87 5.04
N TYR B 227 -9.11 15.93 6.27
CA TYR B 227 -9.02 17.19 6.99
C TYR B 227 -8.07 18.15 6.27
N ARG B 228 -6.96 17.63 5.76
CA ARG B 228 -6.00 18.47 5.07
C ARG B 228 -6.60 19.04 3.78
N ARG B 229 -7.40 18.23 3.09
CA ARG B 229 -8.02 18.68 1.84
C ARG B 229 -9.17 19.65 2.12
N ASP B 230 -10.06 19.23 3.02
CA ASP B 230 -11.21 20.05 3.40
C ASP B 230 -11.18 20.23 4.91
N LYS B 231 -10.99 21.46 5.36
CA LYS B 231 -10.93 21.74 6.79
C LYS B 231 -12.19 21.22 7.48
N THR B 232 -13.36 21.60 6.96
CA THR B 232 -14.63 21.14 7.51
C THR B 232 -15.01 19.92 6.69
N THR B 233 -15.02 18.76 7.34
CA THR B 233 -15.32 17.52 6.66
C THR B 233 -15.82 16.42 7.62
N GLY B 234 -16.18 15.27 7.07
CA GLY B 234 -16.65 14.18 7.88
C GLY B 234 -15.54 13.30 8.43
N ARG B 235 -15.92 12.16 9.01
CA ARG B 235 -14.95 11.24 9.58
C ARG B 235 -15.23 9.79 9.23
N MET B 236 -14.17 9.01 9.03
CA MET B 236 -14.27 7.58 8.75
C MET B 236 -13.84 6.89 10.06
N ALA B 237 -14.03 5.58 10.15
CA ALA B 237 -13.61 4.84 11.33
C ALA B 237 -13.22 3.42 10.97
N SER B 238 -12.30 2.86 11.75
CA SER B 238 -11.83 1.50 11.56
C SER B 238 -12.23 0.71 12.80
N PHE B 239 -12.76 -0.49 12.58
CA PHE B 239 -13.25 -1.34 13.66
C PHE B 239 -12.66 -2.74 13.64
N ILE B 240 -12.60 -3.36 14.82
CA ILE B 240 -12.12 -4.73 14.94
C ILE B 240 -12.67 -5.31 16.23
N TRP B 241 -13.04 -6.59 16.18
CA TRP B 241 -13.60 -7.25 17.35
C TRP B 241 -13.47 -8.75 17.28
N LEU B 242 -13.52 -9.38 18.44
CA LEU B 242 -13.48 -10.82 18.54
C LEU B 242 -14.93 -11.25 18.41
N ILE B 243 -15.18 -12.33 17.69
CA ILE B 243 -16.53 -12.81 17.51
C ILE B 243 -16.96 -13.62 18.72
#